data_8PLL
#
_entry.id   8PLL
#
_cell.length_a   145.180
_cell.length_b   103.630
_cell.length_c   59.610
_cell.angle_alpha   90.000
_cell.angle_beta   113.080
_cell.angle_gamma   90.000
#
_symmetry.space_group_name_H-M   'C 1 2 1'
#
loop_
_entity.id
_entity.type
_entity.pdbx_description
1 polymer 'Thioredoxin glutathione reductase'
2 non-polymer 'FLAVIN-ADENINE DINUCLEOTIDE'
3 non-polymer 1-[2-methyl-1,3-bis(oxidanyl)propan-2-yl]-3-phenyl-urea
4 water water
#
_entity_poly.entity_id   1
_entity_poly.type   'polypeptide(L)'
_entity_poly.pdbx_seq_one_letter_code
;GPPPADGTSQWLRKTVDSAAVILFSKTTCPYCKKVKDVLAEAKIKHATIELDQLSNGSAIQKCLASFSKIETVPQMFVRG
KFIGDSQTVLKYYSNDELAGIVNESKYDYDLIVIGGGSGGLAAGKEAAKYGAKTAVLDYVEPTPIGTTWGLGGTCVNVGC
IPKKLMHQAGLLSHALEDAEHFGWSLDRSKISHNWSTMVEGVQSHIGSLNWGYKVALRDNQVTYLNAKGRLISPHEVQIT
DKNQKVSTITGNKIILATGERPKYPEIPGAVEYGITSDDLFSLPYFPGKTLVIGASYVALECAGFLASLGGDVTVMVRSI
LLRGFDQQMAEKVGDYMENHGVKFAKLCVPDEIKQLKVVDTENNKPGLLLVKGHYTDGKKFEEEFETVIFAVGREPQLSK
VLCETVGVKLDKNGRVVCTDDEQTTVSNVYAIGDINAGKPQLTPVAIQAGRYLARRLFAGATELTDYSNVATTVFTPLEY
GACGLSEEDAIEKYGDKDIEVYHSNFKPLEWTVAHREDNVCYMKLVCRKSDNMRVLGLHVLGPNAGEITQGYAVAIKMGA
TKADFDRTIGIHPTCSETFTTLHVTKKSGVSPIVSGC
;
_entity_poly.pdbx_strand_id   A
#
# COMPACT_ATOMS: atom_id res chain seq x y z
N GLY A 7 20.70 -16.43 22.83
CA GLY A 7 20.00 -16.06 21.61
C GLY A 7 20.95 -15.71 20.48
N THR A 8 22.16 -15.25 20.84
CA THR A 8 23.19 -14.95 19.84
C THR A 8 23.43 -16.14 18.93
N SER A 9 23.53 -17.33 19.51
CA SER A 9 23.82 -18.53 18.73
C SER A 9 22.65 -18.91 17.83
N GLN A 10 21.41 -18.77 18.31
CA GLN A 10 20.26 -19.03 17.45
C GLN A 10 20.26 -18.08 16.25
N TRP A 11 20.52 -16.80 16.50
CA TRP A 11 20.51 -15.80 15.43
C TRP A 11 21.56 -16.09 14.38
N LEU A 12 22.78 -16.44 14.82
CA LEU A 12 23.85 -16.71 13.86
C LEU A 12 23.52 -17.90 12.98
N ARG A 13 22.92 -18.95 13.56
CA ARG A 13 22.62 -20.14 12.78
C ARG A 13 21.57 -19.85 11.71
N LYS A 14 20.53 -19.08 12.07
CA LYS A 14 19.48 -18.72 11.10
C LYS A 14 20.07 -17.86 9.98
N THR A 15 20.99 -16.97 10.32
CA THR A 15 21.59 -16.05 9.35
C THR A 15 22.45 -16.79 8.33
N VAL A 16 23.27 -17.74 8.81
CA VAL A 16 24.15 -18.48 7.91
C VAL A 16 23.34 -19.38 6.97
N ASP A 17 22.31 -20.06 7.49
CA ASP A 17 21.49 -20.94 6.67
C ASP A 17 20.77 -20.21 5.53
N SER A 18 20.35 -18.97 5.72
CA SER A 18 19.50 -18.36 4.70
C SER A 18 20.22 -17.35 3.81
N ALA A 19 21.34 -16.77 4.25
CA ALA A 19 22.03 -15.77 3.43
C ALA A 19 22.60 -16.39 2.15
N ALA A 20 22.48 -15.64 1.05
CA ALA A 20 23.00 -16.13 -0.22
C ALA A 20 24.52 -16.07 -0.25
N VAL A 21 25.08 -14.86 -0.06
CA VAL A 21 26.53 -14.63 0.02
C VAL A 21 26.76 -13.62 1.14
N ILE A 22 27.50 -14.01 2.19
CA ILE A 22 27.66 -13.13 3.36
C ILE A 22 29.10 -13.17 3.86
N LEU A 23 29.60 -11.98 4.23
CA LEU A 23 30.96 -11.80 4.75
C LEU A 23 30.91 -11.26 6.16
N PHE A 24 31.57 -11.96 7.08
CA PHE A 24 31.81 -11.46 8.43
C PHE A 24 33.17 -10.77 8.47
N SER A 25 33.20 -9.57 9.07
CA SER A 25 34.30 -8.64 8.86
C SER A 25 34.47 -7.77 10.11
N LYS A 26 35.58 -7.01 10.13
CA LYS A 26 35.73 -5.83 10.96
C LYS A 26 36.23 -4.68 10.10
N THR A 27 35.78 -3.46 10.43
CA THR A 27 36.06 -2.29 9.61
C THR A 27 37.55 -1.95 9.56
N THR A 28 38.32 -2.39 10.55
CA THR A 28 39.73 -2.03 10.68
C THR A 28 40.68 -3.13 10.20
N CYS A 29 40.19 -4.17 9.55
CA CYS A 29 41.03 -5.32 9.18
C CYS A 29 41.45 -5.20 7.72
N PRO A 30 42.76 -5.17 7.44
CA PRO A 30 43.20 -5.12 6.04
C PRO A 30 42.97 -6.43 5.29
N TYR A 31 42.91 -7.57 5.98
CA TYR A 31 42.56 -8.80 5.28
C TYR A 31 41.10 -8.76 4.84
N CYS A 32 40.22 -8.19 5.66
CA CYS A 32 38.84 -8.00 5.25
C CYS A 32 38.74 -7.08 4.04
N LYS A 33 39.51 -5.98 4.05
CA LYS A 33 39.51 -5.06 2.93
C LYS A 33 39.90 -5.76 1.63
N LYS A 34 40.93 -6.61 1.66
CA LYS A 34 41.36 -7.27 0.43
C LYS A 34 40.30 -8.23 -0.09
N VAL A 35 39.55 -8.89 0.80
CA VAL A 35 38.46 -9.74 0.34
C VAL A 35 37.35 -8.90 -0.29
N LYS A 36 37.00 -7.78 0.34
CA LYS A 36 35.98 -6.89 -0.23
C LYS A 36 36.37 -6.43 -1.63
N ASP A 37 37.65 -6.07 -1.81
CA ASP A 37 38.12 -5.57 -3.11
C ASP A 37 38.07 -6.65 -4.18
N VAL A 38 38.46 -7.88 -3.82
CA VAL A 38 38.39 -8.98 -4.78
C VAL A 38 36.93 -9.22 -5.20
N LEU A 39 36.03 -9.26 -4.22
CA LEU A 39 34.61 -9.46 -4.52
C LEU A 39 34.08 -8.33 -5.40
N ALA A 40 34.44 -7.08 -5.07
CA ALA A 40 33.98 -5.95 -5.85
C ALA A 40 34.53 -5.96 -7.28
N GLU A 41 35.75 -6.46 -7.47
CA GLU A 41 36.31 -6.53 -8.82
C GLU A 41 35.62 -7.60 -9.66
N ALA A 42 35.32 -8.76 -9.06
CA ALA A 42 34.61 -9.82 -9.76
C ALA A 42 33.10 -9.60 -9.83
N LYS A 43 32.59 -8.46 -9.35
CA LYS A 43 31.16 -8.13 -9.42
C LYS A 43 30.30 -9.13 -8.64
N ILE A 44 30.80 -9.63 -7.52
CA ILE A 44 30.05 -10.52 -6.65
C ILE A 44 29.40 -9.67 -5.55
N LYS A 45 28.07 -9.54 -5.60
CA LYS A 45 27.34 -8.81 -4.57
C LYS A 45 27.16 -9.68 -3.33
N HIS A 46 27.12 -9.03 -2.16
CA HIS A 46 27.07 -9.79 -0.90
C HIS A 46 26.66 -8.89 0.26
N ALA A 47 26.18 -9.54 1.32
CA ALA A 47 25.97 -8.92 2.62
C ALA A 47 27.29 -8.87 3.40
N THR A 48 27.38 -7.90 4.32
CA THR A 48 28.53 -7.70 5.18
C THR A 48 28.05 -7.40 6.59
N ILE A 49 28.63 -8.06 7.58
CA ILE A 49 28.35 -7.80 8.99
C ILE A 49 29.67 -7.45 9.67
N GLU A 50 29.79 -6.21 10.15
CA GLU A 50 31.01 -5.72 10.80
C GLU A 50 30.91 -5.99 12.30
N LEU A 51 31.66 -6.99 12.78
CA LEU A 51 31.53 -7.42 14.17
C LEU A 51 32.00 -6.36 15.17
N ASP A 52 32.84 -5.41 14.76
CA ASP A 52 33.30 -4.36 15.66
C ASP A 52 32.29 -3.22 15.80
N GLN A 53 31.13 -3.33 15.16
CA GLN A 53 30.06 -2.35 15.33
C GLN A 53 28.87 -2.94 16.06
N LEU A 54 29.03 -4.14 16.62
CA LEU A 54 28.00 -4.81 17.39
C LEU A 54 28.53 -5.03 18.80
N SER A 55 27.78 -4.59 19.80
CA SER A 55 28.17 -4.85 21.18
C SER A 55 28.31 -6.34 21.45
N ASN A 56 27.66 -7.17 20.65
CA ASN A 56 27.67 -8.63 20.83
C ASN A 56 28.69 -9.31 19.92
N GLY A 57 29.57 -8.55 19.27
CA GLY A 57 30.40 -9.10 18.20
C GLY A 57 31.45 -10.10 18.66
N SER A 58 31.96 -9.93 19.88
CA SER A 58 32.95 -10.88 20.37
C SER A 58 32.35 -12.27 20.55
N ALA A 59 31.11 -12.32 21.02
CA ALA A 59 30.40 -13.60 21.16
C ALA A 59 30.05 -14.18 19.79
N ILE A 60 29.66 -13.33 18.84
CA ILE A 60 29.36 -13.81 17.49
C ILE A 60 30.59 -14.44 16.87
N GLN A 61 31.74 -13.78 17.05
CA GLN A 61 32.99 -14.30 16.51
C GLN A 61 33.28 -15.70 17.03
N LYS A 62 32.97 -15.97 18.30
CA LYS A 62 33.17 -17.31 18.85
C LYS A 62 32.17 -18.31 18.28
N CYS A 63 30.90 -17.91 18.13
CA CYS A 63 29.90 -18.82 17.59
C CYS A 63 30.19 -19.23 16.16
N LEU A 64 30.89 -18.38 15.40
CA LEU A 64 31.21 -18.70 14.01
C LEU A 64 31.96 -20.01 13.89
N ALA A 65 32.77 -20.34 14.90
CA ALA A 65 33.59 -21.54 14.88
C ALA A 65 32.78 -22.81 14.79
N SER A 66 31.51 -22.80 15.18
CA SER A 66 30.64 -23.97 15.00
C SER A 66 30.45 -24.35 13.53
N PHE A 67 30.61 -23.40 12.60
CA PHE A 67 30.53 -23.72 11.18
C PHE A 67 31.89 -23.85 10.52
N SER A 68 32.85 -23.00 10.91
CA SER A 68 34.11 -22.85 10.19
C SER A 68 35.30 -23.48 10.89
N LYS A 69 35.20 -23.73 12.20
CA LYS A 69 36.26 -24.21 13.07
C LYS A 69 37.37 -23.18 13.26
N ILE A 70 37.15 -21.92 12.84
CA ILE A 70 38.06 -20.83 13.14
C ILE A 70 37.28 -19.69 13.79
N GLU A 71 38.03 -18.75 14.37
CA GLU A 71 37.47 -17.63 15.13
C GLU A 71 37.98 -16.28 14.65
N THR A 72 38.61 -16.20 13.49
CA THR A 72 39.16 -14.96 12.96
C THR A 72 38.21 -14.35 11.93
N VAL A 73 38.48 -13.11 11.54
CA VAL A 73 37.80 -12.49 10.40
C VAL A 73 38.85 -12.18 9.35
N PRO A 74 38.51 -12.22 8.04
CA PRO A 74 37.17 -12.45 7.46
C PRO A 74 36.79 -13.91 7.34
N GLN A 75 35.49 -14.20 7.37
CA GLN A 75 34.93 -15.51 7.05
C GLN A 75 33.81 -15.32 6.04
N MET A 76 33.85 -16.08 4.94
CA MET A 76 32.87 -15.92 3.88
C MET A 76 32.07 -17.21 3.70
N PHE A 77 30.74 -17.04 3.58
CA PHE A 77 29.76 -18.11 3.48
C PHE A 77 28.94 -17.96 2.21
N VAL A 78 28.54 -19.09 1.63
CA VAL A 78 27.67 -19.13 0.45
C VAL A 78 26.61 -20.18 0.71
N ARG A 79 25.35 -19.75 0.80
CA ARG A 79 24.19 -20.65 0.90
C ARG A 79 24.40 -21.70 2.00
N GLY A 80 24.80 -21.23 3.18
CA GLY A 80 24.84 -22.05 4.37
C GLY A 80 26.14 -22.80 4.61
N LYS A 81 27.14 -22.60 3.74
CA LYS A 81 28.39 -23.34 3.77
C LYS A 81 29.54 -22.35 3.93
N PHE A 82 30.50 -22.69 4.80
CA PHE A 82 31.70 -21.87 4.94
C PHE A 82 32.61 -22.09 3.72
N ILE A 83 33.02 -20.99 3.09
CA ILE A 83 33.83 -21.04 1.87
C ILE A 83 35.32 -20.82 2.17
N GLY A 84 35.65 -19.92 3.06
CA GLY A 84 37.06 -19.72 3.34
C GLY A 84 37.35 -18.43 4.07
N ASP A 85 38.60 -18.35 4.56
CA ASP A 85 39.18 -17.12 5.08
C ASP A 85 39.82 -16.35 3.91
N SER A 86 40.67 -15.37 4.23
CA SER A 86 41.28 -14.54 3.19
C SER A 86 42.12 -15.36 2.22
N GLN A 87 43.04 -16.19 2.72
CA GLN A 87 43.88 -16.98 1.81
C GLN A 87 43.05 -17.84 0.88
N THR A 88 42.02 -18.49 1.42
CA THR A 88 41.21 -19.42 0.63
C THR A 88 40.45 -18.69 -0.47
N VAL A 89 39.88 -17.53 -0.15
CA VAL A 89 39.09 -16.79 -1.13
C VAL A 89 39.97 -16.34 -2.29
N LEU A 90 41.14 -15.77 -1.96
CA LEU A 90 42.08 -15.35 -3.01
C LEU A 90 42.61 -16.53 -3.80
N LYS A 91 42.69 -17.71 -3.17
CA LYS A 91 43.05 -18.93 -3.90
C LYS A 91 42.02 -19.24 -4.99
N TYR A 92 40.73 -19.24 -4.61
CA TYR A 92 39.68 -19.48 -5.59
C TYR A 92 39.72 -18.45 -6.71
N TYR A 93 39.92 -17.18 -6.37
CA TYR A 93 39.99 -16.12 -7.36
C TYR A 93 41.14 -16.33 -8.33
N SER A 94 42.33 -16.65 -7.81
CA SER A 94 43.51 -16.82 -8.65
C SER A 94 43.34 -17.95 -9.65
N ASN A 95 42.58 -18.99 -9.29
CA ASN A 95 42.43 -20.16 -10.14
C ASN A 95 41.15 -20.11 -10.97
N ASP A 96 40.50 -18.93 -11.05
CA ASP A 96 39.23 -18.76 -11.75
C ASP A 96 38.20 -19.78 -11.25
N GLU A 97 38.18 -20.01 -9.95
CA GLU A 97 37.23 -20.91 -9.33
C GLU A 97 36.11 -20.18 -8.58
N LEU A 98 36.26 -18.86 -8.36
CA LEU A 98 35.38 -18.16 -7.43
C LEU A 98 33.96 -18.03 -7.98
N ALA A 99 33.82 -17.60 -9.24
CA ALA A 99 32.49 -17.45 -9.85
C ALA A 99 31.69 -18.75 -9.76
N GLY A 100 32.35 -19.89 -10.00
CA GLY A 100 31.63 -21.16 -9.93
C GLY A 100 31.14 -21.48 -8.53
N ILE A 101 31.93 -21.13 -7.51
CA ILE A 101 31.55 -21.45 -6.13
C ILE A 101 30.37 -20.58 -5.68
N VAL A 102 30.43 -19.27 -5.95
CA VAL A 102 29.37 -18.36 -5.51
C VAL A 102 28.11 -18.46 -6.34
N ASN A 103 28.12 -19.24 -7.41
CA ASN A 103 26.93 -19.47 -8.22
C ASN A 103 26.33 -20.85 -8.01
N GLU A 104 26.89 -21.66 -7.13
CA GLU A 104 26.47 -23.05 -6.95
C GLU A 104 25.26 -23.12 -6.02
N SER A 105 24.16 -23.72 -6.50
CA SER A 105 22.96 -23.82 -5.70
C SER A 105 22.19 -25.08 -6.05
N LYS A 106 21.45 -25.59 -5.05
CA LYS A 106 20.44 -26.60 -5.28
C LYS A 106 19.30 -26.09 -6.15
N TYR A 107 19.09 -24.77 -6.19
CA TYR A 107 17.90 -24.20 -6.81
C TYR A 107 18.27 -23.22 -7.92
N ASP A 108 17.31 -22.97 -8.81
CA ASP A 108 17.52 -21.96 -9.86
C ASP A 108 17.75 -20.58 -9.25
N TYR A 109 17.00 -20.23 -8.19
CA TYR A 109 17.00 -18.91 -7.62
C TYR A 109 17.09 -18.99 -6.09
N ASP A 110 17.73 -17.99 -5.48
CA ASP A 110 17.67 -17.85 -4.02
C ASP A 110 16.29 -17.38 -3.57
N LEU A 111 15.64 -16.53 -4.37
CA LEU A 111 14.31 -15.99 -4.06
C LEU A 111 13.46 -15.97 -5.33
N ILE A 112 12.22 -16.47 -5.25
CA ILE A 112 11.20 -16.22 -6.25
C ILE A 112 10.09 -15.42 -5.59
N VAL A 113 9.75 -14.26 -6.19
CA VAL A 113 8.62 -13.43 -5.80
C VAL A 113 7.49 -13.66 -6.80
N ILE A 114 6.34 -14.15 -6.32
CA ILE A 114 5.15 -14.27 -7.12
C ILE A 114 4.32 -13.01 -6.87
N GLY A 115 4.34 -12.10 -7.85
CA GLY A 115 3.57 -10.86 -7.83
C GLY A 115 4.46 -9.64 -7.90
N GLY A 116 4.35 -8.85 -8.98
CA GLY A 116 5.20 -7.68 -9.15
C GLY A 116 4.51 -6.36 -8.82
N GLY A 117 4.03 -6.21 -7.58
CA GLY A 117 3.41 -4.99 -7.11
C GLY A 117 4.24 -4.27 -6.07
N SER A 118 3.55 -3.46 -5.26
CA SER A 118 4.22 -2.63 -4.25
C SER A 118 5.17 -3.45 -3.36
N GLY A 119 4.64 -4.49 -2.72
CA GLY A 119 5.47 -5.29 -1.83
C GLY A 119 6.47 -6.15 -2.59
N GLY A 120 6.01 -6.81 -3.66
CA GLY A 120 6.87 -7.77 -4.34
C GLY A 120 8.07 -7.14 -5.01
N LEU A 121 7.87 -5.98 -5.66
CA LEU A 121 9.00 -5.28 -6.28
C LEU A 121 9.97 -4.77 -5.22
N ALA A 122 9.47 -4.24 -4.10
CA ALA A 122 10.36 -3.75 -3.04
C ALA A 122 11.19 -4.89 -2.47
N ALA A 123 10.57 -6.06 -2.27
CA ALA A 123 11.29 -7.19 -1.69
C ALA A 123 12.35 -7.73 -2.64
N GLY A 124 12.01 -7.86 -3.92
CA GLY A 124 12.96 -8.44 -4.87
C GLY A 124 14.17 -7.56 -5.11
N LYS A 125 13.96 -6.24 -5.21
CA LYS A 125 15.08 -5.33 -5.41
C LYS A 125 16.01 -5.33 -4.20
N GLU A 126 15.47 -5.35 -2.99
CA GLU A 126 16.31 -5.30 -1.80
C GLU A 126 17.10 -6.59 -1.64
N ALA A 127 16.46 -7.73 -1.92
CA ALA A 127 17.14 -9.02 -1.81
C ALA A 127 18.33 -9.10 -2.75
N ALA A 128 18.17 -8.62 -3.99
CA ALA A 128 19.24 -8.64 -4.98
C ALA A 128 20.48 -7.85 -4.52
N LYS A 129 20.30 -6.77 -3.75
CA LYS A 129 21.44 -6.02 -3.23
C LYS A 129 22.42 -6.88 -2.44
N TYR A 130 21.96 -7.95 -1.80
CA TYR A 130 22.82 -8.80 -0.96
C TYR A 130 23.23 -10.09 -1.64
N GLY A 131 23.16 -10.15 -2.98
CA GLY A 131 23.63 -11.30 -3.71
C GLY A 131 22.63 -12.40 -3.90
N ALA A 132 21.38 -12.20 -3.48
CA ALA A 132 20.36 -13.23 -3.71
C ALA A 132 19.97 -13.23 -5.18
N LYS A 133 20.14 -14.38 -5.83
CA LYS A 133 19.70 -14.51 -7.21
C LYS A 133 18.17 -14.57 -7.22
N THR A 134 17.55 -13.57 -7.82
CA THR A 134 16.12 -13.29 -7.63
C THR A 134 15.38 -13.30 -8.96
N ALA A 135 14.14 -13.81 -8.92
CA ALA A 135 13.19 -13.68 -10.02
C ALA A 135 11.89 -13.08 -9.51
N VAL A 136 11.34 -12.12 -10.27
CA VAL A 136 10.03 -11.53 -10.00
C VAL A 136 9.08 -11.95 -11.10
N LEU A 137 7.96 -12.60 -10.72
CA LEU A 137 6.90 -13.00 -11.64
C LEU A 137 5.71 -12.04 -11.52
N ASP A 138 5.20 -11.55 -12.66
CA ASP A 138 4.00 -10.72 -12.65
C ASP A 138 3.13 -10.99 -13.86
N TYR A 139 1.82 -11.07 -13.62
CA TYR A 139 0.83 -11.26 -14.68
C TYR A 139 -0.43 -10.53 -14.23
N VAL A 140 -1.10 -9.90 -15.18
CA VAL A 140 -2.32 -9.13 -14.88
C VAL A 140 -3.48 -9.83 -15.58
N GLU A 141 -4.28 -10.59 -14.82
CA GLU A 141 -5.49 -11.19 -15.37
C GLU A 141 -6.46 -10.11 -15.86
N PRO A 142 -6.85 -10.11 -17.14
CA PRO A 142 -7.71 -9.01 -17.65
C PRO A 142 -9.05 -8.93 -16.92
N THR A 143 -9.61 -7.72 -16.89
CA THR A 143 -10.95 -7.55 -16.31
C THR A 143 -11.98 -8.19 -17.23
N PRO A 144 -13.24 -8.29 -16.79
CA PRO A 144 -14.29 -8.83 -17.67
C PRO A 144 -14.40 -8.16 -19.03
N ILE A 145 -14.17 -6.85 -19.14
CA ILE A 145 -14.24 -6.21 -20.45
C ILE A 145 -12.91 -6.26 -21.19
N GLY A 146 -11.85 -6.76 -20.56
CA GLY A 146 -10.57 -6.95 -21.24
C GLY A 146 -9.46 -6.00 -20.82
N THR A 147 -9.67 -5.12 -19.85
CA THR A 147 -8.61 -4.18 -19.46
C THR A 147 -7.42 -4.89 -18.84
N THR A 148 -6.22 -4.42 -19.20
CA THR A 148 -4.97 -4.92 -18.63
C THR A 148 -3.98 -3.77 -18.56
N TRP A 149 -2.82 -4.00 -17.93
CA TRP A 149 -1.84 -2.94 -17.68
C TRP A 149 -0.48 -3.57 -17.40
N GLY A 150 0.53 -2.72 -17.16
CA GLY A 150 1.91 -3.16 -17.07
C GLY A 150 2.40 -3.37 -15.64
N LEU A 151 3.73 -3.54 -15.52
CA LEU A 151 4.35 -3.91 -14.25
C LEU A 151 4.19 -2.83 -13.18
N GLY A 152 3.95 -3.26 -11.95
CA GLY A 152 3.93 -2.33 -10.84
C GLY A 152 2.81 -2.50 -9.83
N GLY A 153 1.79 -3.29 -10.16
CA GLY A 153 0.76 -3.66 -9.20
C GLY A 153 -0.41 -2.69 -9.15
N THR A 154 -1.24 -2.86 -8.11
CA THR A 154 -2.53 -2.16 -8.02
C THR A 154 -2.34 -0.66 -7.81
N CYS A 155 -1.43 -0.27 -6.90
CA CYS A 155 -1.26 1.15 -6.59
C CYS A 155 -0.81 1.94 -7.82
N VAL A 156 0.25 1.47 -8.48
CA VAL A 156 0.84 2.17 -9.62
C VAL A 156 -0.17 2.32 -10.76
N ASN A 157 -0.91 1.24 -11.06
CA ASN A 157 -1.71 1.18 -12.30
C ASN A 157 -3.18 1.51 -12.12
N VAL A 158 -3.82 1.07 -11.03
CA VAL A 158 -5.27 1.19 -10.91
C VAL A 158 -5.65 1.54 -9.47
N GLY A 159 -4.78 2.30 -8.78
CA GLY A 159 -4.93 2.60 -7.36
C GLY A 159 -4.43 3.99 -6.95
N CYS A 160 -3.55 4.06 -5.93
CA CYS A 160 -3.18 5.35 -5.31
C CYS A 160 -2.75 6.38 -6.35
N ILE A 161 -1.93 5.97 -7.30
CA ILE A 161 -1.31 6.91 -8.25
C ILE A 161 -2.37 7.54 -9.17
N PRO A 162 -3.10 6.79 -10.03
CA PRO A 162 -4.08 7.48 -10.88
C PRO A 162 -5.21 8.13 -10.08
N LYS A 163 -5.63 7.52 -8.96
CA LYS A 163 -6.71 8.10 -8.16
C LYS A 163 -6.31 9.46 -7.57
N LYS A 164 -5.05 9.61 -7.11
CA LYS A 164 -4.69 10.95 -6.59
C LYS A 164 -4.49 11.97 -7.70
N LEU A 165 -4.04 11.54 -8.89
CA LEU A 165 -3.94 12.48 -10.00
C LEU A 165 -5.32 12.97 -10.44
N MET A 166 -6.32 12.08 -10.46
CA MET A 166 -7.68 12.50 -10.82
C MET A 166 -8.31 13.35 -9.72
N HIS A 167 -8.01 13.03 -8.45
CA HIS A 167 -8.36 13.93 -7.34
C HIS A 167 -7.75 15.31 -7.53
N GLN A 168 -6.48 15.38 -7.97
CA GLN A 168 -5.88 16.70 -8.22
C GLN A 168 -6.63 17.45 -9.32
N ALA A 169 -7.06 16.74 -10.37
CA ALA A 169 -7.82 17.39 -11.44
C ALA A 169 -9.13 17.96 -10.90
N GLY A 170 -9.75 17.26 -9.95
CA GLY A 170 -10.97 17.76 -9.35
C GLY A 170 -10.70 18.96 -8.43
N LEU A 171 -9.60 18.91 -7.68
CA LEU A 171 -9.26 20.03 -6.81
C LEU A 171 -9.04 21.29 -7.62
N LEU A 172 -8.50 21.15 -8.84
CA LEU A 172 -8.24 22.33 -9.64
C LEU A 172 -9.52 23.02 -10.09
N SER A 173 -10.66 22.30 -10.17
CA SER A 173 -11.93 22.99 -10.43
C SER A 173 -12.19 24.05 -9.37
N HIS A 174 -11.89 23.76 -8.11
CA HIS A 174 -12.15 24.74 -7.08
C HIS A 174 -11.07 25.81 -7.02
N ALA A 175 -9.85 25.47 -7.47
CA ALA A 175 -8.81 26.46 -7.66
C ALA A 175 -9.21 27.50 -8.71
N LEU A 176 -9.80 27.05 -9.83
CA LEU A 176 -10.30 27.98 -10.85
C LEU A 176 -11.37 28.91 -10.28
N GLU A 177 -12.30 28.36 -9.48
CA GLU A 177 -13.33 29.19 -8.86
C GLU A 177 -12.69 30.21 -7.91
N ASP A 178 -11.77 29.75 -7.06
CA ASP A 178 -11.15 30.62 -6.07
C ASP A 178 -10.35 31.74 -6.73
N ALA A 179 -9.76 31.47 -7.88
CA ALA A 179 -8.83 32.41 -8.51
C ALA A 179 -9.51 33.72 -8.88
N GLU A 180 -10.82 33.69 -9.17
CA GLU A 180 -11.56 34.92 -9.43
C GLU A 180 -11.56 35.84 -8.21
N HIS A 181 -11.84 35.29 -7.03
CA HIS A 181 -11.86 36.11 -5.82
C HIS A 181 -10.48 36.66 -5.47
N PHE A 182 -9.41 35.97 -5.85
CA PHE A 182 -8.06 36.45 -5.59
C PHE A 182 -7.56 37.39 -6.67
N GLY A 183 -8.41 37.78 -7.63
CA GLY A 183 -8.08 38.83 -8.58
C GLY A 183 -7.83 38.41 -10.02
N TRP A 184 -7.89 37.12 -10.36
CA TRP A 184 -7.58 36.68 -11.73
C TRP A 184 -8.82 36.81 -12.62
N SER A 185 -8.61 37.08 -13.91
CA SER A 185 -9.68 37.56 -14.78
C SER A 185 -10.48 36.45 -15.49
N LEU A 186 -10.33 35.20 -15.08
CA LEU A 186 -11.05 34.13 -15.76
C LEU A 186 -12.52 34.07 -15.30
N ASP A 187 -13.36 33.48 -16.14
CA ASP A 187 -14.76 33.18 -15.83
C ASP A 187 -14.93 31.66 -15.74
N ARG A 188 -14.94 31.14 -14.51
CA ARG A 188 -15.06 29.69 -14.28
C ARG A 188 -16.24 29.08 -15.01
N SER A 189 -17.36 29.80 -15.10
CA SER A 189 -18.56 29.23 -15.70
C SER A 189 -18.47 29.03 -17.21
N LYS A 190 -17.38 29.47 -17.85
CA LYS A 190 -17.18 29.25 -19.27
C LYS A 190 -16.10 28.21 -19.55
N ILE A 191 -15.61 27.51 -18.54
CA ILE A 191 -14.51 26.56 -18.68
C ILE A 191 -15.06 25.16 -18.49
N SER A 192 -14.63 24.23 -19.35
CA SER A 192 -15.07 22.84 -19.26
C SER A 192 -13.87 21.90 -19.12
N HIS A 193 -14.16 20.65 -18.77
CA HIS A 193 -13.12 19.62 -18.61
C HIS A 193 -13.18 18.56 -19.72
N ASN A 194 -12.02 18.12 -20.19
CA ASN A 194 -11.95 17.06 -21.21
C ASN A 194 -11.40 15.79 -20.55
N TRP A 195 -12.26 14.79 -20.37
CA TRP A 195 -11.89 13.56 -19.66
C TRP A 195 -10.72 12.85 -20.34
N SER A 196 -10.77 12.69 -21.66
CA SER A 196 -9.76 11.86 -22.33
C SER A 196 -8.39 12.55 -22.37
N THR A 197 -8.35 13.89 -22.44
CA THR A 197 -7.08 14.60 -22.28
C THR A 197 -6.43 14.31 -20.93
N MET A 198 -7.23 14.27 -19.87
CA MET A 198 -6.69 13.96 -18.54
C MET A 198 -6.22 12.50 -18.50
N VAL A 199 -7.04 11.59 -19.02
CA VAL A 199 -6.67 10.18 -19.02
C VAL A 199 -5.35 9.96 -19.75
N GLU A 200 -5.16 10.61 -20.89
CA GLU A 200 -3.91 10.43 -21.62
C GLU A 200 -2.69 10.87 -20.80
N GLY A 201 -2.79 12.00 -20.11
CA GLY A 201 -1.68 12.46 -19.28
C GLY A 201 -1.39 11.53 -18.11
N VAL A 202 -2.45 11.06 -17.43
CA VAL A 202 -2.30 10.12 -16.33
C VAL A 202 -1.64 8.83 -16.83
N GLN A 203 -2.09 8.32 -17.97
CA GLN A 203 -1.56 7.06 -18.49
C GLN A 203 -0.13 7.21 -18.98
N SER A 204 0.26 8.41 -19.42
CA SER A 204 1.65 8.61 -19.83
C SER A 204 2.58 8.54 -18.62
N HIS A 205 2.13 9.04 -17.47
CA HIS A 205 2.92 8.89 -16.25
C HIS A 205 2.98 7.43 -15.80
N ILE A 206 1.84 6.73 -15.79
CA ILE A 206 1.85 5.31 -15.41
C ILE A 206 2.81 4.53 -16.31
N GLY A 207 2.80 4.84 -17.62
CA GLY A 207 3.71 4.17 -18.54
C GLY A 207 5.17 4.41 -18.19
N SER A 208 5.49 5.61 -17.72
CA SER A 208 6.87 5.86 -17.29
C SER A 208 7.22 5.04 -16.05
N LEU A 209 6.25 4.77 -15.17
CA LEU A 209 6.52 3.92 -14.01
C LEU A 209 6.67 2.44 -14.43
N ASN A 210 5.80 1.94 -15.31
CA ASN A 210 5.98 0.57 -15.83
C ASN A 210 7.40 0.38 -16.36
N TRP A 211 7.86 1.33 -17.17
CA TRP A 211 9.18 1.21 -17.79
C TRP A 211 10.29 1.35 -16.76
N GLY A 212 10.15 2.31 -15.84
CA GLY A 212 11.16 2.48 -14.79
C GLY A 212 11.35 1.24 -13.93
N TYR A 213 10.26 0.50 -13.67
CA TYR A 213 10.41 -0.74 -12.90
C TYR A 213 11.14 -1.81 -13.69
N LYS A 214 10.86 -1.94 -14.99
CA LYS A 214 11.62 -2.92 -15.78
C LYS A 214 13.10 -2.55 -15.83
N VAL A 215 13.41 -1.26 -15.95
CA VAL A 215 14.80 -0.82 -15.94
C VAL A 215 15.45 -1.08 -14.59
N ALA A 216 14.74 -0.79 -13.49
CA ALA A 216 15.32 -1.02 -12.17
C ALA A 216 15.64 -2.49 -11.94
N LEU A 217 14.72 -3.38 -12.31
CA LEU A 217 14.98 -4.81 -12.16
C LEU A 217 16.21 -5.24 -12.97
N ARG A 218 16.30 -4.78 -14.22
CA ARG A 218 17.46 -5.14 -15.04
C ARG A 218 18.76 -4.63 -14.42
N ASP A 219 18.74 -3.39 -13.90
CA ASP A 219 19.94 -2.82 -13.28
C ASP A 219 20.31 -3.44 -11.93
N ASN A 220 19.42 -4.21 -11.31
CA ASN A 220 19.74 -4.96 -10.10
C ASN A 220 19.99 -6.44 -10.38
N GLN A 221 20.06 -6.85 -11.65
CA GLN A 221 20.27 -8.26 -12.05
C GLN A 221 19.13 -9.18 -11.62
N VAL A 222 17.91 -8.65 -11.51
CA VAL A 222 16.72 -9.44 -11.20
C VAL A 222 16.09 -9.92 -12.50
N THR A 223 15.72 -11.20 -12.55
CA THR A 223 15.03 -11.75 -13.71
C THR A 223 13.54 -11.43 -13.63
N TYR A 224 13.03 -10.69 -14.61
CA TYR A 224 11.60 -10.39 -14.71
C TYR A 224 10.94 -11.32 -15.72
N LEU A 225 9.95 -12.08 -15.26
CA LEU A 225 9.12 -12.94 -16.11
C LEU A 225 7.69 -12.44 -16.07
N ASN A 226 7.13 -12.09 -17.23
CA ASN A 226 5.72 -11.75 -17.36
C ASN A 226 4.94 -13.06 -17.55
N ALA A 227 4.67 -13.73 -16.42
CA ALA A 227 4.08 -15.06 -16.43
C ALA A 227 3.29 -15.29 -15.15
N LYS A 228 2.23 -16.10 -15.27
CA LYS A 228 1.43 -16.48 -14.12
C LYS A 228 2.13 -17.58 -13.33
N GLY A 229 2.29 -17.37 -12.03
CA GLY A 229 3.00 -18.30 -11.16
C GLY A 229 2.01 -19.08 -10.30
N ARG A 230 2.36 -20.34 -10.01
CA ARG A 230 1.56 -21.22 -9.17
C ARG A 230 2.53 -22.06 -8.36
N LEU A 231 2.43 -21.98 -7.03
CA LEU A 231 3.31 -22.76 -6.17
C LEU A 231 2.73 -24.17 -6.01
N ILE A 232 3.47 -25.18 -6.50
CA ILE A 232 2.99 -26.57 -6.49
C ILE A 232 3.69 -27.42 -5.46
N SER A 233 4.79 -26.96 -4.89
CA SER A 233 5.45 -27.60 -3.75
C SER A 233 6.28 -26.51 -3.07
N PRO A 234 6.83 -26.79 -1.87
CA PRO A 234 7.58 -25.72 -1.16
C PRO A 234 8.58 -24.98 -2.01
N HIS A 235 9.25 -25.63 -2.96
CA HIS A 235 10.34 -25.01 -3.70
C HIS A 235 10.14 -24.92 -5.20
N GLU A 236 9.02 -25.41 -5.73
CA GLU A 236 8.76 -25.45 -7.17
C GLU A 236 7.63 -24.51 -7.53
N VAL A 237 7.87 -23.64 -8.52
CA VAL A 237 6.86 -22.73 -9.05
C VAL A 237 6.64 -23.08 -10.52
N GLN A 238 5.39 -23.45 -10.85
CA GLN A 238 4.99 -23.66 -12.23
C GLN A 238 4.61 -22.31 -12.86
N ILE A 239 5.16 -22.02 -14.04
CA ILE A 239 4.88 -20.75 -14.73
C ILE A 239 4.22 -21.04 -16.07
N THR A 240 3.26 -20.19 -16.43
CA THR A 240 2.62 -20.20 -17.74
C THR A 240 2.84 -18.84 -18.39
N ASP A 241 3.38 -18.84 -19.60
CA ASP A 241 3.76 -17.58 -20.24
C ASP A 241 2.65 -17.09 -21.17
N LYS A 242 2.95 -16.04 -21.94
CA LYS A 242 1.98 -15.40 -22.81
C LYS A 242 1.58 -16.29 -23.99
N ASN A 243 2.41 -17.27 -24.35
CA ASN A 243 2.10 -18.21 -25.41
C ASN A 243 1.54 -19.52 -24.89
N GLN A 244 1.11 -19.56 -23.63
CA GLN A 244 0.57 -20.73 -22.95
C GLN A 244 1.60 -21.84 -22.73
N LYS A 245 2.90 -21.56 -22.85
CA LYS A 245 3.91 -22.58 -22.58
C LYS A 245 4.12 -22.72 -21.08
N VAL A 246 4.09 -23.97 -20.60
CA VAL A 246 4.15 -24.27 -19.16
C VAL A 246 5.51 -24.90 -18.84
N SER A 247 6.10 -24.47 -17.73
CA SER A 247 7.39 -25.00 -17.28
C SER A 247 7.51 -24.77 -15.77
N THR A 248 8.63 -25.21 -15.19
CA THR A 248 8.83 -25.19 -13.74
C THR A 248 10.19 -24.62 -13.38
N ILE A 249 10.22 -23.70 -12.41
CA ILE A 249 11.45 -23.15 -11.85
C ILE A 249 11.46 -23.39 -10.35
N THR A 250 12.66 -23.46 -9.76
CA THR A 250 12.82 -23.74 -8.35
C THR A 250 13.52 -22.60 -7.63
N GLY A 251 13.21 -22.44 -6.35
CA GLY A 251 13.78 -21.37 -5.55
C GLY A 251 13.87 -21.77 -4.10
N ASN A 252 14.84 -21.19 -3.39
CA ASN A 252 15.04 -21.50 -1.98
C ASN A 252 13.95 -20.86 -1.11
N LYS A 253 13.88 -19.52 -1.11
CA LYS A 253 12.82 -18.77 -0.44
C LYS A 253 11.76 -18.34 -1.45
N ILE A 254 10.49 -18.33 -1.03
CA ILE A 254 9.37 -17.88 -1.85
C ILE A 254 8.64 -16.76 -1.11
N ILE A 255 8.33 -15.67 -1.82
CA ILE A 255 7.49 -14.60 -1.28
C ILE A 255 6.23 -14.51 -2.11
N LEU A 256 5.08 -14.73 -1.47
CA LEU A 256 3.77 -14.54 -2.08
C LEU A 256 3.35 -13.08 -1.89
N ALA A 257 3.07 -12.40 -2.99
CA ALA A 257 2.78 -10.96 -2.98
C ALA A 257 1.78 -10.62 -4.09
N THR A 258 0.69 -11.39 -4.18
CA THR A 258 -0.17 -11.34 -5.37
C THR A 258 -1.38 -10.39 -5.24
N GLY A 259 -1.59 -9.75 -4.08
CA GLY A 259 -2.64 -8.73 -3.99
C GLY A 259 -4.08 -9.27 -4.09
N GLU A 260 -5.00 -8.35 -4.38
CA GLU A 260 -6.44 -8.61 -4.47
C GLU A 260 -7.01 -8.03 -5.77
N ARG A 261 -8.28 -8.32 -6.04
CA ARG A 261 -9.02 -7.76 -7.17
C ARG A 261 -10.44 -7.40 -6.73
N PRO A 262 -11.11 -6.49 -7.45
CA PRO A 262 -12.45 -6.06 -7.03
C PRO A 262 -13.48 -7.17 -7.07
N LYS A 263 -14.47 -7.09 -6.16
CA LYS A 263 -15.64 -7.97 -6.15
C LYS A 263 -16.78 -7.38 -6.96
N TYR A 264 -17.67 -8.26 -7.47
CA TYR A 264 -18.95 -7.86 -8.06
C TYR A 264 -20.10 -8.42 -7.22
N PRO A 265 -21.24 -7.73 -7.14
CA PRO A 265 -22.42 -8.36 -6.54
C PRO A 265 -23.02 -9.38 -7.50
N GLU A 266 -23.68 -10.39 -6.92
CA GLU A 266 -24.30 -11.45 -7.72
C GLU A 266 -25.73 -11.07 -8.12
N ILE A 267 -25.82 -10.14 -9.06
CA ILE A 267 -27.10 -9.69 -9.62
C ILE A 267 -27.01 -9.70 -11.14
N PRO A 268 -28.11 -9.90 -11.88
CA PRO A 268 -28.02 -9.93 -13.34
C PRO A 268 -27.49 -8.62 -13.88
N GLY A 269 -26.63 -8.72 -14.88
CA GLY A 269 -26.10 -7.57 -15.58
C GLY A 269 -24.87 -6.94 -14.96
N ALA A 270 -24.44 -7.37 -13.77
CA ALA A 270 -23.39 -6.64 -13.07
C ALA A 270 -22.05 -6.81 -13.78
N VAL A 271 -21.68 -8.05 -14.09
CA VAL A 271 -20.40 -8.33 -14.76
C VAL A 271 -20.43 -7.86 -16.20
N GLU A 272 -21.58 -8.02 -16.86
CA GLU A 272 -21.65 -7.72 -18.30
C GLU A 272 -21.66 -6.22 -18.56
N TYR A 273 -22.32 -5.43 -17.72
CA TYR A 273 -22.57 -4.02 -18.04
C TYR A 273 -21.94 -2.99 -17.11
N GLY A 274 -21.58 -3.36 -15.88
CA GLY A 274 -20.91 -2.45 -14.97
C GLY A 274 -19.39 -2.49 -15.12
N ILE A 275 -18.70 -1.59 -14.40
CA ILE A 275 -17.24 -1.56 -14.39
C ILE A 275 -16.77 -1.42 -12.95
N THR A 276 -15.45 -1.53 -12.74
CA THR A 276 -14.85 -1.32 -11.43
C THR A 276 -13.73 -0.29 -11.54
N SER A 277 -13.10 0.00 -10.39
CA SER A 277 -11.91 0.86 -10.39
C SER A 277 -10.82 0.35 -11.33
N ASP A 278 -10.76 -0.97 -11.56
CA ASP A 278 -9.76 -1.53 -12.49
C ASP A 278 -9.92 -0.94 -13.90
N ASP A 279 -11.16 -0.68 -14.33
CA ASP A 279 -11.41 -0.15 -15.67
C ASP A 279 -11.42 1.37 -15.70
N LEU A 280 -11.75 2.02 -14.56
CA LEU A 280 -12.06 3.45 -14.58
C LEU A 280 -10.86 4.30 -14.99
N PHE A 281 -9.67 3.94 -14.51
CA PHE A 281 -8.53 4.83 -14.64
C PHE A 281 -7.92 4.86 -16.04
N SER A 282 -8.31 3.93 -16.93
CA SER A 282 -7.91 4.00 -18.33
C SER A 282 -9.11 4.07 -19.28
N LEU A 283 -10.29 4.42 -18.77
CA LEU A 283 -11.51 4.41 -19.57
C LEU A 283 -11.38 5.28 -20.82
N PRO A 284 -11.59 4.74 -22.02
CA PRO A 284 -11.38 5.54 -23.24
C PRO A 284 -12.49 6.55 -23.52
N TYR A 285 -13.62 6.46 -22.83
CA TYR A 285 -14.75 7.37 -22.99
C TYR A 285 -15.06 8.04 -21.66
N PHE A 286 -15.68 9.22 -21.72
CA PHE A 286 -16.06 9.89 -20.49
C PHE A 286 -17.22 9.14 -19.84
N PRO A 287 -17.22 8.99 -18.51
CA PRO A 287 -18.27 8.17 -17.87
C PRO A 287 -19.67 8.74 -18.02
N GLY A 288 -19.82 10.06 -18.05
CA GLY A 288 -21.14 10.67 -18.12
C GLY A 288 -21.88 10.56 -16.79
N LYS A 289 -23.20 10.56 -16.85
CA LYS A 289 -24.02 10.39 -15.65
C LYS A 289 -23.74 9.03 -15.03
N THR A 290 -23.23 9.01 -13.78
CA THR A 290 -22.63 7.83 -13.17
C THR A 290 -23.31 7.46 -11.86
N LEU A 291 -23.49 6.15 -11.65
CA LEU A 291 -23.90 5.60 -10.36
C LEU A 291 -22.72 4.83 -9.78
N VAL A 292 -22.34 5.14 -8.53
CA VAL A 292 -21.36 4.35 -7.78
C VAL A 292 -22.15 3.55 -6.74
N ILE A 293 -22.01 2.22 -6.77
CA ILE A 293 -22.63 1.32 -5.79
C ILE A 293 -21.56 0.90 -4.78
N GLY A 294 -21.74 1.27 -3.52
CA GLY A 294 -20.76 1.00 -2.47
C GLY A 294 -20.50 2.23 -1.63
N ALA A 295 -19.72 2.02 -0.55
CA ALA A 295 -19.52 3.08 0.43
C ALA A 295 -18.14 3.03 1.09
N SER A 296 -17.20 2.33 0.47
CA SER A 296 -15.81 2.25 0.88
C SER A 296 -15.06 3.53 0.52
N TYR A 297 -13.81 3.63 0.99
CA TYR A 297 -13.02 4.80 0.61
C TYR A 297 -12.82 4.85 -0.91
N VAL A 298 -12.79 3.69 -1.58
CA VAL A 298 -12.68 3.69 -3.03
C VAL A 298 -13.95 4.28 -3.65
N ALA A 299 -15.13 3.84 -3.19
CA ALA A 299 -16.39 4.37 -3.70
C ALA A 299 -16.45 5.89 -3.56
N LEU A 300 -16.14 6.41 -2.37
CA LEU A 300 -16.33 7.84 -2.13
C LEU A 300 -15.26 8.67 -2.84
N GLU A 301 -14.02 8.18 -2.91
CA GLU A 301 -12.99 8.91 -3.63
C GLU A 301 -13.34 9.05 -5.12
N CYS A 302 -13.78 7.95 -5.74
CA CYS A 302 -14.12 8.00 -7.16
C CYS A 302 -15.35 8.88 -7.40
N ALA A 303 -16.41 8.72 -6.59
CA ALA A 303 -17.57 9.59 -6.75
C ALA A 303 -17.19 11.04 -6.60
N GLY A 304 -16.28 11.32 -5.66
CA GLY A 304 -15.90 12.69 -5.38
C GLY A 304 -15.21 13.39 -6.53
N PHE A 305 -14.21 12.76 -7.15
CA PHE A 305 -13.55 13.50 -8.23
C PHE A 305 -14.42 13.56 -9.48
N LEU A 306 -15.24 12.53 -9.75
CA LEU A 306 -16.12 12.59 -10.90
C LEU A 306 -17.06 13.79 -10.80
N ALA A 307 -17.52 14.10 -9.58
CA ALA A 307 -18.44 15.22 -9.43
C ALA A 307 -17.72 16.55 -9.57
N SER A 308 -16.50 16.64 -9.05
CA SER A 308 -15.73 17.88 -9.16
C SER A 308 -15.35 18.17 -10.60
N LEU A 309 -15.21 17.15 -11.44
CA LEU A 309 -14.93 17.39 -12.85
C LEU A 309 -16.16 17.86 -13.62
N GLY A 310 -17.33 17.85 -13.00
CA GLY A 310 -18.56 18.31 -13.63
C GLY A 310 -19.60 17.25 -13.85
N GLY A 311 -19.40 16.01 -13.36
CA GLY A 311 -20.33 14.93 -13.66
C GLY A 311 -21.55 14.88 -12.73
N ASP A 312 -22.60 14.26 -13.25
CA ASP A 312 -23.85 13.99 -12.52
C ASP A 312 -23.68 12.63 -11.83
N VAL A 313 -23.47 12.66 -10.51
CA VAL A 313 -22.98 11.50 -9.77
C VAL A 313 -23.95 11.15 -8.64
N THR A 314 -24.28 9.86 -8.52
CA THR A 314 -25.07 9.30 -7.42
C THR A 314 -24.29 8.15 -6.78
N VAL A 315 -24.36 8.04 -5.45
CA VAL A 315 -23.76 6.93 -4.69
C VAL A 315 -24.89 6.17 -4.00
N MET A 316 -24.92 4.84 -4.13
CA MET A 316 -26.04 4.09 -3.56
C MET A 316 -25.50 3.29 -2.37
N VAL A 317 -26.02 3.60 -1.18
CA VAL A 317 -25.42 3.16 0.09
C VAL A 317 -26.37 2.18 0.79
N ARG A 318 -25.86 0.98 1.07
CA ARG A 318 -26.66 -0.05 1.75
C ARG A 318 -26.95 0.33 3.21
N SER A 319 -25.91 0.71 3.97
CA SER A 319 -26.11 1.09 5.37
C SER A 319 -25.33 2.35 5.75
N ILE A 320 -24.03 2.21 6.08
CA ILE A 320 -23.24 3.33 6.55
C ILE A 320 -22.08 3.57 5.59
N LEU A 321 -21.45 4.74 5.73
CA LEU A 321 -20.24 5.09 4.99
C LEU A 321 -19.00 4.68 5.76
N LEU A 322 -17.97 4.20 5.04
CA LEU A 322 -16.63 3.97 5.62
C LEU A 322 -16.68 3.12 6.88
N ARG A 323 -17.37 1.98 6.80
CA ARG A 323 -17.39 1.03 7.92
C ARG A 323 -15.97 0.68 8.35
N GLY A 324 -15.73 0.71 9.65
CA GLY A 324 -14.39 0.53 10.20
C GLY A 324 -13.66 1.82 10.51
N PHE A 325 -14.05 2.95 9.89
CA PHE A 325 -13.51 4.25 10.28
C PHE A 325 -14.41 4.93 11.31
N ASP A 326 -13.82 5.89 12.04
CA ASP A 326 -14.55 6.75 12.97
C ASP A 326 -15.81 7.30 12.31
N GLN A 327 -16.98 7.01 12.91
CA GLN A 327 -18.22 7.28 12.20
C GLN A 327 -18.64 8.75 12.26
N GLN A 328 -18.25 9.50 13.30
CA GLN A 328 -18.47 10.95 13.27
C GLN A 328 -17.74 11.57 12.11
N MET A 329 -16.48 11.18 11.93
CA MET A 329 -15.66 11.68 10.85
C MET A 329 -16.24 11.26 9.50
N ALA A 330 -16.70 10.01 9.37
CA ALA A 330 -17.23 9.55 8.09
C ALA A 330 -18.49 10.33 7.72
N GLU A 331 -19.33 10.65 8.71
CA GLU A 331 -20.54 11.43 8.46
C GLU A 331 -20.20 12.83 7.97
N LYS A 332 -19.16 13.45 8.54
CA LYS A 332 -18.76 14.78 8.08
C LYS A 332 -18.22 14.75 6.65
N VAL A 333 -17.45 13.69 6.30
CA VAL A 333 -17.00 13.50 4.92
C VAL A 333 -18.18 13.45 3.97
N GLY A 334 -19.17 12.60 4.28
CA GLY A 334 -20.32 12.45 3.38
C GLY A 334 -21.18 13.70 3.30
N ASP A 335 -21.33 14.42 4.43
CA ASP A 335 -22.12 15.64 4.43
C ASP A 335 -21.51 16.69 3.51
N TYR A 336 -20.16 16.81 3.51
CA TYR A 336 -19.51 17.76 2.62
C TYR A 336 -19.79 17.40 1.17
N MET A 337 -19.72 16.11 0.84
CA MET A 337 -19.90 15.69 -0.54
C MET A 337 -21.32 15.99 -1.02
N GLU A 338 -22.33 15.72 -0.16
CA GLU A 338 -23.73 15.98 -0.49
C GLU A 338 -23.99 17.47 -0.71
N ASN A 339 -23.36 18.32 0.09
CA ASN A 339 -23.50 19.77 -0.11
C ASN A 339 -22.82 20.26 -1.37
N HIS A 340 -21.87 19.51 -1.90
CA HIS A 340 -21.13 19.89 -3.11
C HIS A 340 -21.41 18.99 -4.31
N GLY A 341 -22.65 18.52 -4.46
CA GLY A 341 -23.13 17.99 -5.73
C GLY A 341 -23.45 16.50 -5.73
N VAL A 342 -22.76 15.71 -4.90
CA VAL A 342 -22.96 14.26 -4.94
C VAL A 342 -24.35 13.91 -4.38
N LYS A 343 -25.14 13.18 -5.16
CA LYS A 343 -26.41 12.65 -4.65
C LYS A 343 -26.18 11.29 -3.98
N PHE A 344 -26.96 11.03 -2.93
CA PHE A 344 -26.87 9.78 -2.17
C PHE A 344 -28.24 9.09 -2.12
N ALA A 345 -28.28 7.83 -2.58
CA ALA A 345 -29.45 6.97 -2.43
C ALA A 345 -29.21 6.10 -1.20
N LYS A 346 -29.79 6.52 -0.06
CA LYS A 346 -29.51 5.92 1.23
C LYS A 346 -30.42 4.74 1.52
N LEU A 347 -29.88 3.77 2.27
CA LEU A 347 -30.60 2.56 2.65
C LEU A 347 -31.17 1.86 1.42
N CYS A 348 -30.31 1.65 0.42
CA CYS A 348 -30.73 1.20 -0.90
C CYS A 348 -29.76 0.15 -1.45
N VAL A 349 -30.28 -0.89 -2.09
CA VAL A 349 -29.46 -1.94 -2.71
C VAL A 349 -29.90 -2.19 -4.14
N PRO A 350 -29.02 -2.69 -5.01
CA PRO A 350 -29.41 -2.92 -6.40
C PRO A 350 -29.87 -4.35 -6.64
N ASP A 351 -30.78 -4.51 -7.60
CA ASP A 351 -31.36 -5.82 -7.94
C ASP A 351 -30.93 -6.30 -9.32
N ILE A 353 -29.13 -4.78 -13.41
CA ILE A 353 -28.68 -3.82 -14.43
C ILE A 353 -29.10 -4.30 -15.83
N LYS A 354 -29.82 -3.45 -16.57
CA LYS A 354 -30.29 -3.76 -17.92
C LYS A 354 -29.61 -2.84 -18.93
N GLN A 355 -29.25 -3.36 -20.10
CA GLN A 355 -28.54 -2.54 -21.07
C GLN A 355 -29.51 -1.86 -22.02
N LEU A 356 -29.34 -0.55 -22.20
CA LEU A 356 -30.14 0.23 -23.15
C LEU A 356 -29.34 0.71 -24.37
N LYS A 357 -28.01 0.82 -24.24
CA LYS A 357 -27.13 1.29 -25.31
C LYS A 357 -25.74 0.70 -25.08
N VAL A 358 -25.12 0.17 -26.15
CA VAL A 358 -23.79 -0.42 -26.08
C VAL A 358 -22.77 0.72 -26.13
N VAL A 359 -21.61 0.52 -25.50
CA VAL A 359 -20.55 1.53 -25.52
C VAL A 359 -20.11 1.78 -26.95
N ASP A 360 -19.90 3.06 -27.29
CA ASP A 360 -19.57 3.51 -28.65
C ASP A 360 -18.05 3.57 -28.78
N THR A 361 -17.45 2.49 -29.29
CA THR A 361 -15.99 2.44 -29.36
C THR A 361 -15.41 3.25 -30.50
N GLU A 362 -16.24 3.98 -31.26
CA GLU A 362 -15.79 4.78 -32.40
C GLU A 362 -15.79 6.28 -32.09
N ASN A 363 -16.90 6.81 -31.61
CA ASN A 363 -16.97 8.20 -31.15
C ASN A 363 -16.51 8.36 -29.70
N ASN A 364 -16.00 7.28 -29.09
CA ASN A 364 -15.62 7.21 -27.68
C ASN A 364 -16.65 7.88 -26.77
N LYS A 365 -17.86 7.30 -26.72
CA LYS A 365 -18.94 7.74 -25.86
C LYS A 365 -19.47 6.55 -25.06
N PRO A 366 -19.99 6.79 -23.86
CA PRO A 366 -20.51 5.69 -23.03
C PRO A 366 -21.80 5.12 -23.61
N GLY A 367 -22.21 3.98 -23.04
CA GLY A 367 -23.52 3.41 -23.32
C GLY A 367 -24.60 4.02 -22.45
N LEU A 368 -25.62 3.21 -22.13
CA LEU A 368 -26.74 3.64 -21.31
C LEU A 368 -27.35 2.42 -20.62
N LEU A 369 -27.60 2.55 -19.29
CA LEU A 369 -28.02 1.43 -18.46
C LEU A 369 -29.26 1.80 -17.64
N LEU A 370 -30.10 0.80 -17.38
CA LEU A 370 -31.23 0.91 -16.44
C LEU A 370 -30.87 0.13 -15.18
N VAL A 371 -30.85 0.82 -14.04
CA VAL A 371 -30.56 0.21 -12.74
C VAL A 371 -31.86 0.12 -11.94
N LYS A 372 -32.22 -1.08 -11.51
CA LYS A 372 -33.38 -1.29 -10.66
C LYS A 372 -32.91 -1.76 -9.27
N GLY A 373 -33.51 -1.20 -8.22
CA GLY A 373 -33.16 -1.60 -6.86
C GLY A 373 -34.30 -1.31 -5.91
N HIS A 374 -34.03 -1.40 -4.61
CA HIS A 374 -35.08 -1.11 -3.62
C HIS A 374 -34.49 -0.57 -2.32
N TYR A 375 -35.29 0.27 -1.67
CA TYR A 375 -35.00 0.92 -0.39
C TYR A 375 -35.59 0.11 0.78
N THR A 376 -35.04 0.33 1.99
CA THR A 376 -35.56 -0.37 3.16
C THR A 376 -37.02 -0.01 3.48
N ASP A 377 -37.50 1.16 3.04
CA ASP A 377 -38.89 1.54 3.32
C ASP A 377 -39.87 0.95 2.30
N GLY A 378 -39.40 0.14 1.37
CA GLY A 378 -40.26 -0.53 0.40
C GLY A 378 -40.36 0.16 -0.95
N LYS A 379 -39.94 1.42 -1.06
CA LYS A 379 -39.99 2.11 -2.35
C LYS A 379 -39.03 1.46 -3.33
N LYS A 380 -39.35 1.58 -4.62
CA LYS A 380 -38.51 1.01 -5.66
C LYS A 380 -37.53 2.07 -6.16
N PHE A 381 -36.34 1.63 -6.55
CA PHE A 381 -35.35 2.48 -7.22
C PHE A 381 -35.33 2.11 -8.71
N GLU A 382 -35.44 3.09 -9.59
CA GLU A 382 -35.32 2.82 -11.03
C GLU A 382 -34.86 4.10 -11.70
N GLU A 383 -33.66 4.08 -12.30
CA GLU A 383 -33.08 5.29 -12.86
C GLU A 383 -32.07 4.89 -13.94
N GLU A 384 -31.90 5.76 -14.93
CA GLU A 384 -30.94 5.53 -16.03
C GLU A 384 -29.60 6.20 -15.74
N PHE A 385 -28.51 5.50 -16.10
CA PHE A 385 -27.16 5.99 -15.93
C PHE A 385 -26.35 5.60 -17.16
N GLU A 386 -25.36 6.42 -17.49
CA GLU A 386 -24.45 6.07 -18.59
C GLU A 386 -23.35 5.12 -18.16
N THR A 387 -22.92 5.17 -16.89
CA THR A 387 -21.89 4.28 -16.36
C THR A 387 -22.26 3.85 -14.94
N VAL A 388 -21.99 2.58 -14.61
CA VAL A 388 -22.24 2.06 -13.27
C VAL A 388 -20.96 1.43 -12.76
N ILE A 389 -20.47 1.91 -11.62
CA ILE A 389 -19.20 1.48 -11.03
C ILE A 389 -19.49 0.73 -9.73
N PHE A 390 -19.00 -0.51 -9.62
CA PHE A 390 -19.14 -1.28 -8.39
C PHE A 390 -17.90 -1.10 -7.54
N ALA A 391 -18.09 -0.67 -6.28
CA ALA A 391 -17.01 -0.59 -5.30
C ALA A 391 -17.52 -1.24 -4.01
N VAL A 392 -17.59 -2.58 -4.04
CA VAL A 392 -18.18 -3.38 -2.98
C VAL A 392 -17.14 -4.32 -2.36
N GLY A 393 -15.89 -3.92 -2.36
CA GLY A 393 -14.85 -4.67 -1.68
C GLY A 393 -13.91 -5.36 -2.66
N ARG A 394 -12.86 -5.96 -2.09
CA ARG A 394 -11.77 -6.60 -2.83
C ARG A 394 -11.44 -7.93 -2.15
N GLU A 395 -10.86 -8.87 -2.91
CA GLU A 395 -10.55 -10.18 -2.34
C GLU A 395 -9.38 -10.84 -3.07
N PRO A 396 -8.61 -11.68 -2.39
CA PRO A 396 -7.61 -12.50 -3.10
C PRO A 396 -8.26 -13.73 -3.70
N GLN A 397 -7.60 -14.31 -4.68
CA GLN A 397 -8.02 -15.61 -5.21
C GLN A 397 -6.81 -16.55 -5.14
N LEU A 398 -6.45 -16.95 -3.91
CA LEU A 398 -5.22 -17.69 -3.72
C LEU A 398 -5.31 -19.13 -4.25
N SER A 399 -6.51 -19.63 -4.54
CA SER A 399 -6.59 -20.95 -5.15
C SER A 399 -5.98 -20.97 -6.55
N LYS A 400 -5.87 -19.81 -7.21
CA LYS A 400 -5.16 -19.73 -8.48
C LYS A 400 -3.65 -19.59 -8.31
N VAL A 401 -3.17 -19.31 -7.10
CA VAL A 401 -1.77 -19.07 -6.85
C VAL A 401 -1.10 -20.26 -6.16
N LEU A 402 -1.86 -21.06 -5.42
CA LEU A 402 -1.30 -21.92 -4.38
C LEU A 402 -2.03 -23.26 -4.37
N CYS A 403 -1.30 -24.34 -4.66
CA CYS A 403 -1.86 -25.67 -4.52
C CYS A 403 -2.12 -25.99 -3.05
N GLU A 404 -3.34 -26.46 -2.76
CA GLU A 404 -3.72 -26.77 -1.40
C GLU A 404 -2.82 -27.81 -0.74
N THR A 405 -2.12 -28.65 -1.52
CA THR A 405 -1.29 -29.69 -0.93
C THR A 405 0.05 -29.15 -0.41
N VAL A 406 0.42 -27.92 -0.75
CA VAL A 406 1.69 -27.37 -0.27
C VAL A 406 1.67 -27.22 1.24
N GLY A 407 0.51 -26.84 1.79
CA GLY A 407 0.35 -26.71 3.23
C GLY A 407 0.38 -25.29 3.79
N VAL A 408 0.06 -24.28 2.99
CA VAL A 408 0.00 -22.89 3.45
C VAL A 408 -1.39 -22.61 4.02
N LYS A 409 -1.45 -22.23 5.29
CA LYS A 409 -2.71 -22.05 6.00
C LYS A 409 -3.36 -20.72 5.64
N LEU A 410 -4.65 -20.75 5.31
CA LEU A 410 -5.46 -19.57 4.99
C LEU A 410 -6.53 -19.37 6.06
N ASP A 411 -6.99 -18.12 6.20
CA ASP A 411 -8.08 -17.84 7.13
C ASP A 411 -9.43 -17.91 6.40
N LYS A 412 -10.50 -17.58 7.11
CA LYS A 412 -11.84 -17.72 6.53
C LYS A 412 -12.11 -16.75 5.39
N ASN A 413 -11.39 -15.63 5.32
CA ASN A 413 -11.47 -14.75 4.15
C ASN A 413 -10.47 -15.10 3.07
N GLY A 414 -9.73 -16.20 3.24
CA GLY A 414 -8.80 -16.61 2.20
C GLY A 414 -7.50 -15.84 2.17
N ARG A 415 -7.12 -15.16 3.24
CA ARG A 415 -5.82 -14.52 3.33
C ARG A 415 -4.84 -15.42 4.11
N VAL A 416 -3.56 -15.16 3.94
CA VAL A 416 -2.52 -16.05 4.46
C VAL A 416 -2.29 -15.75 5.94
N VAL A 417 -2.20 -16.80 6.75
CA VAL A 417 -1.96 -16.66 8.19
C VAL A 417 -0.46 -16.72 8.43
N CYS A 418 0.10 -15.63 8.98
CA CYS A 418 1.55 -15.46 9.11
C CYS A 418 1.94 -15.16 10.55
N THR A 419 3.18 -15.50 10.89
CA THR A 419 3.81 -15.03 12.11
C THR A 419 4.20 -13.55 11.97
N ASP A 420 4.65 -12.97 13.07
CA ASP A 420 5.02 -11.55 13.06
C ASP A 420 6.28 -11.26 12.24
N ASP A 421 6.92 -12.27 11.63
CA ASP A 421 7.97 -12.02 10.64
C ASP A 421 7.57 -12.49 9.25
N GLU A 422 6.26 -12.57 8.97
CA GLU A 422 5.67 -12.87 7.67
C GLU A 422 5.84 -14.32 7.22
N GLN A 423 6.26 -15.22 8.10
CA GLN A 423 6.45 -16.62 7.72
C GLN A 423 5.09 -17.32 7.69
N THR A 424 4.86 -18.12 6.64
CA THR A 424 3.65 -18.94 6.56
C THR A 424 3.86 -20.24 7.33
N THR A 425 2.89 -21.15 7.27
CA THR A 425 3.05 -22.48 7.86
C THR A 425 4.01 -23.38 7.06
N VAL A 426 4.53 -22.90 5.93
CA VAL A 426 5.61 -23.56 5.20
C VAL A 426 6.86 -22.68 5.34
N SER A 427 7.91 -23.21 5.97
CA SER A 427 8.89 -22.35 6.64
C SER A 427 9.77 -21.53 5.68
N ASN A 428 9.88 -21.91 4.42
CA ASN A 428 10.60 -21.13 3.41
C ASN A 428 9.68 -20.19 2.62
N VAL A 429 8.39 -20.16 2.94
CA VAL A 429 7.41 -19.39 2.19
C VAL A 429 6.87 -18.27 3.09
N TYR A 430 6.83 -17.06 2.55
CA TYR A 430 6.44 -15.86 3.27
C TYR A 430 5.37 -15.13 2.46
N ALA A 431 4.57 -14.30 3.14
CA ALA A 431 3.49 -13.53 2.51
C ALA A 431 3.55 -12.09 2.99
N ILE A 432 3.42 -11.15 2.06
CA ILE A 432 3.48 -9.72 2.37
C ILE A 432 2.35 -9.00 1.64
N GLY A 433 2.05 -7.78 2.08
CA GLY A 433 1.04 -6.97 1.40
C GLY A 433 -0.39 -7.38 1.73
N ASP A 434 -1.29 -7.09 0.79
CA ASP A 434 -2.74 -7.20 1.05
C ASP A 434 -3.18 -8.62 1.42
N ILE A 435 -2.44 -9.66 0.99
CA ILE A 435 -2.86 -11.03 1.30
C ILE A 435 -2.40 -11.51 2.67
N ASN A 436 -1.63 -10.71 3.42
CA ASN A 436 -1.23 -11.05 4.79
C ASN A 436 -2.41 -10.76 5.73
N ALA A 437 -2.99 -11.81 6.31
CA ALA A 437 -4.20 -11.67 7.11
C ALA A 437 -3.99 -10.75 8.31
N GLY A 438 -4.96 -9.85 8.53
CA GLY A 438 -4.97 -9.00 9.70
C GLY A 438 -4.19 -7.71 9.60
N LYS A 439 -3.49 -7.46 8.47
CA LYS A 439 -2.63 -6.29 8.41
C LYS A 439 -3.30 -5.13 7.68
N PRO A 440 -2.94 -3.89 7.98
CA PRO A 440 -3.46 -2.75 7.19
C PRO A 440 -3.07 -2.92 5.72
N GLN A 441 -4.04 -2.71 4.85
CA GLN A 441 -3.87 -2.97 3.42
C GLN A 441 -3.51 -1.66 2.71
N LEU A 442 -2.21 -1.32 2.75
CA LEU A 442 -1.70 -0.04 2.28
C LEU A 442 -0.36 -0.25 1.60
N THR A 443 -0.03 0.64 0.65
CA THR A 443 1.21 0.49 -0.13
C THR A 443 2.48 0.72 0.69
N PRO A 444 2.59 1.74 1.55
CA PRO A 444 3.84 1.85 2.34
C PRO A 444 4.05 0.70 3.34
N VAL A 445 2.97 0.08 3.81
CA VAL A 445 3.08 -1.11 4.67
C VAL A 445 3.69 -2.28 3.90
N ALA A 446 3.19 -2.53 2.69
CA ALA A 446 3.72 -3.62 1.87
C ALA A 446 5.20 -3.40 1.55
N ILE A 447 5.59 -2.15 1.26
CA ILE A 447 6.97 -1.84 0.92
C ILE A 447 7.90 -2.06 2.13
N GLN A 448 7.51 -1.54 3.30
CA GLN A 448 8.29 -1.76 4.52
C GLN A 448 8.39 -3.25 4.85
N ALA A 449 7.27 -3.98 4.74
CA ALA A 449 7.30 -5.43 4.98
C ALA A 449 8.29 -6.12 4.05
N GLY A 450 8.19 -5.85 2.74
CA GLY A 450 9.05 -6.54 1.80
C GLY A 450 10.52 -6.21 1.96
N ARG A 451 10.85 -4.93 2.16
CA ARG A 451 12.25 -4.55 2.33
C ARG A 451 12.84 -5.07 3.64
N TYR A 452 12.09 -4.97 4.75
CA TYR A 452 12.58 -5.49 6.01
C TYR A 452 12.74 -7.02 5.96
N LEU A 453 11.83 -7.73 5.28
CA LEU A 453 11.93 -9.19 5.17
C LEU A 453 13.17 -9.60 4.37
N ALA A 454 13.40 -8.93 3.24
CA ALA A 454 14.59 -9.23 2.44
C ALA A 454 15.87 -9.08 3.25
N ARG A 455 15.94 -8.07 4.13
CA ARG A 455 17.16 -7.90 4.92
C ARG A 455 17.31 -9.00 5.97
N ARG A 456 16.20 -9.44 6.59
CA ARG A 456 16.32 -10.56 7.53
C ARG A 456 16.73 -11.85 6.83
N LEU A 457 16.19 -12.10 5.63
CA LEU A 457 16.50 -13.34 4.92
C LEU A 457 17.95 -13.37 4.48
N PHE A 458 18.46 -12.27 3.94
CA PHE A 458 19.71 -12.33 3.21
C PHE A 458 20.84 -11.50 3.78
N ALA A 459 20.61 -10.73 4.85
CA ALA A 459 21.65 -9.87 5.42
C ALA A 459 21.74 -9.95 6.94
N GLY A 460 21.09 -10.93 7.56
CA GLY A 460 21.16 -11.09 9.00
C GLY A 460 20.48 -10.02 9.83
N ALA A 461 19.57 -9.23 9.25
CA ALA A 461 18.92 -8.21 10.04
C ALA A 461 17.91 -8.85 11.01
N THR A 462 17.54 -8.11 12.05
CA THR A 462 16.55 -8.58 13.00
C THR A 462 15.27 -7.75 13.04
N GLU A 463 15.28 -6.54 12.50
CA GLU A 463 14.17 -5.61 12.67
C GLU A 463 12.89 -6.12 12.02
N LEU A 464 11.80 -6.08 12.77
CA LEU A 464 10.47 -6.44 12.28
C LEU A 464 9.70 -5.20 11.84
N THR A 465 8.71 -5.39 10.97
CA THR A 465 7.76 -4.33 10.64
C THR A 465 6.76 -4.12 11.78
N ASP A 466 6.54 -2.85 12.16
CA ASP A 466 5.59 -2.48 13.21
C ASP A 466 4.28 -2.09 12.54
N TYR A 467 3.23 -2.89 12.71
CA TYR A 467 1.95 -2.66 12.04
C TYR A 467 0.96 -1.82 12.87
N SER A 468 1.37 -1.28 14.02
CA SER A 468 0.44 -0.57 14.90
C SER A 468 0.44 0.94 14.62
N ASN A 469 -0.74 1.55 14.79
CA ASN A 469 -0.92 3.01 14.66
C ASN A 469 -0.39 3.57 13.33
N VAL A 470 -0.63 2.83 12.24
CA VAL A 470 -0.26 3.28 10.90
C VAL A 470 -1.28 4.30 10.40
N ALA A 471 -0.81 5.48 10.00
CA ALA A 471 -1.69 6.58 9.61
C ALA A 471 -2.25 6.36 8.20
N THR A 472 -3.42 6.96 7.94
CA THR A 472 -4.16 6.80 6.68
C THR A 472 -4.67 8.17 6.20
N THR A 473 -5.00 8.28 4.91
CA THR A 473 -5.74 9.45 4.42
C THR A 473 -6.70 9.02 3.33
N VAL A 474 -7.97 9.44 3.46
CA VAL A 474 -9.00 9.25 2.44
C VAL A 474 -9.05 10.53 1.60
N PHE A 475 -8.82 10.39 0.29
CA PHE A 475 -8.71 11.57 -0.58
C PHE A 475 -10.04 11.93 -1.23
N THR A 476 -11.06 12.10 -0.39
CA THR A 476 -12.35 12.66 -0.80
C THR A 476 -12.20 14.17 -1.07
N PRO A 477 -13.23 14.83 -1.66
CA PRO A 477 -13.08 16.26 -2.00
C PRO A 477 -12.59 17.12 -0.84
N LEU A 478 -13.11 16.90 0.37
CA LEU A 478 -12.47 17.37 1.58
C LEU A 478 -11.80 16.16 2.23
N GLU A 479 -10.47 16.19 2.34
CA GLU A 479 -9.66 15.03 2.71
C GLU A 479 -9.78 14.72 4.21
N TYR A 480 -9.65 13.43 4.57
CA TYR A 480 -9.77 12.97 5.97
C TYR A 480 -8.55 12.14 6.35
N GLY A 481 -7.75 12.64 7.29
CA GLY A 481 -6.55 11.95 7.75
C GLY A 481 -6.72 11.45 9.18
N ALA A 482 -6.10 10.31 9.49
CA ALA A 482 -6.25 9.74 10.84
C ALA A 482 -5.02 8.92 11.22
N CYS A 483 -4.80 8.81 12.53
CA CYS A 483 -3.74 7.94 13.08
C CYS A 483 -4.20 7.42 14.43
N GLY A 484 -4.34 6.09 14.56
CA GLY A 484 -4.72 5.50 15.83
C GLY A 484 -6.19 5.12 15.92
N LEU A 485 -6.77 5.12 17.11
CA LEU A 485 -8.10 4.59 17.32
C LEU A 485 -9.18 5.61 16.98
N SER A 486 -10.29 5.12 16.44
CA SER A 486 -11.52 5.90 16.38
C SER A 486 -12.02 6.15 17.80
N GLU A 487 -12.85 7.20 17.95
CA GLU A 487 -13.38 7.51 19.28
C GLU A 487 -14.19 6.34 19.84
N GLU A 488 -15.06 5.73 19.02
CA GLU A 488 -15.87 4.62 19.51
C GLU A 488 -15.03 3.41 19.91
N ASP A 489 -13.95 3.11 19.16
CA ASP A 489 -13.08 1.98 19.57
C ASP A 489 -12.33 2.28 20.87
N ALA A 490 -11.93 3.53 21.09
CA ALA A 490 -11.25 3.88 22.34
C ALA A 490 -12.16 3.71 23.55
N ILE A 491 -13.43 4.15 23.42
CA ILE A 491 -14.41 4.03 24.50
C ILE A 491 -14.77 2.57 24.73
N GLU A 492 -14.89 1.78 23.66
CA GLU A 492 -15.12 0.34 23.81
C GLU A 492 -14.00 -0.32 24.61
N LYS A 493 -12.74 0.09 24.39
CA LYS A 493 -11.61 -0.60 25.00
C LYS A 493 -11.39 -0.20 26.45
N TYR A 494 -11.54 1.08 26.78
CA TYR A 494 -11.15 1.60 28.08
C TYR A 494 -12.31 2.11 28.93
N GLY A 495 -13.50 2.20 28.36
CA GLY A 495 -14.67 2.77 29.03
C GLY A 495 -14.75 4.27 28.91
N ASP A 496 -15.99 4.77 28.91
CA ASP A 496 -16.26 6.18 28.67
C ASP A 496 -15.65 7.11 29.72
N LYS A 497 -15.55 6.65 30.97
CA LYS A 497 -15.05 7.53 32.02
C LYS A 497 -13.56 7.75 31.89
N ASP A 498 -12.85 6.87 31.20
CA ASP A 498 -11.41 6.96 31.03
C ASP A 498 -10.98 7.68 29.74
N ILE A 499 -11.92 8.23 28.98
CA ILE A 499 -11.60 8.85 27.68
C ILE A 499 -11.97 10.32 27.73
N GLU A 500 -11.03 11.19 27.33
CA GLU A 500 -11.25 12.62 27.11
C GLU A 500 -11.03 12.94 25.64
N VAL A 501 -11.89 13.77 25.04
CA VAL A 501 -11.77 14.14 23.63
C VAL A 501 -11.70 15.65 23.52
N TYR A 502 -10.58 16.16 22.99
CA TYR A 502 -10.41 17.59 22.68
C TYR A 502 -10.71 17.81 21.20
N HIS A 503 -11.43 18.89 20.88
CA HIS A 503 -11.78 19.08 19.47
C HIS A 503 -11.97 20.56 19.14
N SER A 504 -11.97 20.87 17.83
CA SER A 504 -12.21 22.23 17.37
C SER A 504 -12.57 22.21 15.88
N ASN A 505 -13.47 23.12 15.46
CA ASN A 505 -13.55 23.48 14.05
C ASN A 505 -12.40 24.43 13.69
N PHE A 506 -12.20 24.62 12.38
CA PHE A 506 -11.26 25.63 11.92
C PHE A 506 -11.61 26.01 10.49
N LYS A 507 -11.01 27.09 10.01
CA LYS A 507 -11.19 27.55 8.63
C LYS A 507 -9.82 27.83 8.03
N PRO A 508 -9.46 27.20 6.91
CA PRO A 508 -8.19 27.58 6.25
C PRO A 508 -8.21 29.05 5.86
N LEU A 509 -7.06 29.71 6.04
CA LEU A 509 -6.94 31.12 5.62
C LEU A 509 -7.29 31.28 4.14
N GLU A 510 -6.91 30.29 3.32
CA GLU A 510 -7.18 30.31 1.88
C GLU A 510 -8.68 30.34 1.58
N TRP A 511 -9.52 29.88 2.50
CA TRP A 511 -10.96 29.89 2.31
C TRP A 511 -11.62 31.25 2.59
N THR A 512 -10.91 32.19 3.23
CA THR A 512 -11.55 33.44 3.65
C THR A 512 -11.93 34.31 2.45
N VAL A 513 -10.92 34.74 1.67
CA VAL A 513 -11.16 35.56 0.48
C VAL A 513 -11.99 34.81 -0.57
N ALA A 514 -11.91 33.47 -0.59
CA ALA A 514 -12.66 32.66 -1.54
C ALA A 514 -14.12 32.44 -1.12
N HIS A 515 -14.51 32.89 0.07
CA HIS A 515 -15.90 32.82 0.55
C HIS A 515 -16.38 31.37 0.71
N ARG A 516 -15.50 30.47 1.17
CA ARG A 516 -15.90 29.11 1.48
C ARG A 516 -16.33 29.00 2.96
N GLU A 517 -16.64 27.78 3.42
CA GLU A 517 -17.44 27.57 4.65
C GLU A 517 -16.65 27.77 5.95
N ASP A 518 -17.37 28.28 6.97
CA ASP A 518 -16.77 28.63 8.27
C ASP A 518 -16.46 27.43 9.15
N ASN A 519 -17.46 26.60 9.44
CA ASN A 519 -17.26 25.67 10.54
C ASN A 519 -17.47 24.26 10.01
N VAL A 520 -16.65 23.88 9.02
CA VAL A 520 -16.75 22.60 8.36
C VAL A 520 -15.50 21.75 8.58
N CYS A 521 -14.31 22.32 8.33
CA CYS A 521 -13.10 21.62 8.74
C CYS A 521 -13.12 21.39 10.27
N TYR A 522 -12.48 20.31 10.72
CA TYR A 522 -12.71 19.81 12.07
C TYR A 522 -11.56 18.89 12.46
N MET A 523 -11.18 18.90 13.75
CA MET A 523 -10.14 17.97 14.19
C MET A 523 -10.39 17.58 15.64
N LYS A 524 -9.84 16.43 16.04
CA LYS A 524 -9.99 15.96 17.41
C LYS A 524 -8.83 15.06 17.83
N LEU A 525 -8.57 15.07 19.15
CA LEU A 525 -7.60 14.20 19.81
C LEU A 525 -8.34 13.37 20.85
N VAL A 526 -8.29 12.05 20.70
CA VAL A 526 -8.93 11.09 21.62
C VAL A 526 -7.86 10.59 22.58
N CYS A 527 -8.05 10.83 23.89
CA CYS A 527 -6.98 10.64 24.88
C CYS A 527 -7.42 9.74 26.03
N ARG A 528 -6.43 9.14 26.70
CA ARG A 528 -6.68 8.24 27.84
C ARG A 528 -6.30 8.94 29.14
N LYS A 529 -7.30 9.23 29.96
CA LYS A 529 -7.10 9.99 31.18
C LYS A 529 -6.10 9.33 32.12
N SER A 530 -6.26 8.03 32.37
CA SER A 530 -5.46 7.37 33.38
C SER A 530 -4.03 7.03 32.90
N ASP A 531 -3.66 7.39 31.68
CA ASP A 531 -2.30 7.19 31.19
C ASP A 531 -1.71 8.53 30.76
N ASN A 532 -1.70 9.51 31.68
CA ASN A 532 -1.10 10.82 31.43
C ASN A 532 -1.72 11.52 30.21
N MET A 533 -2.99 11.28 29.91
CA MET A 533 -3.63 11.87 28.72
C MET A 533 -2.92 11.48 27.42
N ARG A 534 -2.48 10.22 27.34
CA ARG A 534 -1.90 9.65 26.13
C ARG A 534 -2.83 9.85 24.94
N VAL A 535 -2.26 10.22 23.79
CA VAL A 535 -3.09 10.38 22.60
C VAL A 535 -3.28 9.01 21.96
N LEU A 536 -4.52 8.50 21.96
CA LEU A 536 -4.85 7.21 21.37
C LEU A 536 -5.22 7.29 19.89
N GLY A 537 -5.79 8.42 19.46
CA GLY A 537 -6.18 8.62 18.06
C GLY A 537 -6.22 10.09 17.69
N LEU A 538 -5.79 10.43 16.47
CA LEU A 538 -5.83 11.78 15.94
C LEU A 538 -6.63 11.75 14.64
N HIS A 539 -7.49 12.76 14.43
CA HIS A 539 -8.41 12.83 13.29
C HIS A 539 -8.53 14.25 12.77
N VAL A 540 -8.42 14.45 11.44
CA VAL A 540 -8.53 15.80 10.86
C VAL A 540 -9.26 15.75 9.51
N LEU A 541 -10.23 16.63 9.34
CA LEU A 541 -10.97 16.82 8.09
C LEU A 541 -10.61 18.21 7.55
N GLY A 542 -9.93 18.26 6.40
CA GLY A 542 -9.49 19.51 5.81
C GLY A 542 -8.56 19.35 4.60
N PRO A 543 -8.16 20.45 3.98
CA PRO A 543 -7.25 20.37 2.83
C PRO A 543 -5.89 19.81 3.24
N ASN A 544 -5.25 19.07 2.33
CA ASN A 544 -3.88 18.57 2.54
C ASN A 544 -3.77 17.70 3.78
N ALA A 545 -4.84 16.95 4.08
CA ALA A 545 -4.91 16.20 5.35
C ALA A 545 -3.81 15.18 5.46
N GLY A 546 -3.31 14.66 4.33
CA GLY A 546 -2.19 13.71 4.40
C GLY A 546 -0.89 14.38 4.82
N GLU A 547 -0.64 15.59 4.31
CA GLU A 547 0.53 16.35 4.75
C GLU A 547 0.41 16.72 6.22
N ILE A 548 -0.79 17.10 6.66
CA ILE A 548 -1.00 17.44 8.07
C ILE A 548 -0.69 16.25 8.97
N THR A 549 -1.23 15.08 8.63
CA THR A 549 -1.23 13.94 9.55
C THR A 549 0.14 13.29 9.68
N GLN A 550 0.92 13.21 8.60
CA GLN A 550 2.11 12.34 8.57
C GLN A 550 3.05 12.58 9.74
N GLY A 551 3.40 13.84 10.00
CA GLY A 551 4.41 14.12 11.03
C GLY A 551 3.96 13.74 12.42
N TYR A 552 2.65 13.86 12.70
CA TYR A 552 2.15 13.48 14.02
C TYR A 552 2.25 11.98 14.25
N ALA A 553 2.26 11.18 13.19
CA ALA A 553 2.39 9.73 13.33
C ALA A 553 3.71 9.34 13.99
N VAL A 554 4.78 10.11 13.78
CA VAL A 554 6.03 9.86 14.52
C VAL A 554 5.85 10.11 16.02
N ALA A 555 5.20 11.21 16.37
CA ALA A 555 5.00 11.51 17.78
C ALA A 555 4.10 10.48 18.46
N ILE A 556 3.05 10.03 17.76
CA ILE A 556 2.19 8.99 18.33
C ILE A 556 2.95 7.69 18.51
N LYS A 557 3.78 7.32 17.52
CA LYS A 557 4.64 6.15 17.66
C LYS A 557 5.50 6.22 18.93
N MET A 558 5.95 7.43 19.28
CA MET A 558 6.76 7.67 20.46
C MET A 558 5.94 7.81 21.74
N GLY A 559 4.61 7.72 21.68
CA GLY A 559 3.80 7.83 22.89
C GLY A 559 3.46 9.25 23.32
N ALA A 560 3.15 10.13 22.37
CA ALA A 560 2.83 11.52 22.71
C ALA A 560 1.60 11.61 23.62
N THR A 561 1.61 12.60 24.52
CA THR A 561 0.49 12.93 25.39
C THR A 561 -0.09 14.27 24.97
N LYS A 562 -1.21 14.67 25.61
CA LYS A 562 -1.76 16.02 25.37
C LYS A 562 -0.76 17.10 25.77
N ALA A 563 0.02 16.85 26.84
CA ALA A 563 1.00 17.84 27.27
C ALA A 563 2.08 18.05 26.20
N ASP A 564 2.43 17.00 25.45
CA ASP A 564 3.42 17.17 24.39
C ASP A 564 2.87 18.05 23.27
N PHE A 565 1.59 17.87 22.93
CA PHE A 565 0.97 18.76 21.94
C PHE A 565 0.91 20.19 22.46
N ASP A 566 0.64 20.38 23.77
CA ASP A 566 0.49 21.74 24.28
C ASP A 566 1.81 22.50 24.29
N ARG A 567 2.92 21.83 24.65
CA ARG A 567 4.19 22.54 24.80
C ARG A 567 4.86 22.84 23.47
N THR A 568 4.49 22.11 22.41
CA THR A 568 4.97 22.43 21.06
C THR A 568 4.28 23.67 20.51
N ILE A 569 5.08 24.59 19.88
CA ILE A 569 4.55 25.86 19.33
C ILE A 569 4.10 25.64 17.88
N GLY A 570 3.02 26.33 17.49
CA GLY A 570 2.51 26.20 16.14
C GLY A 570 3.28 27.01 15.11
N ILE A 571 3.13 26.60 13.84
CA ILE A 571 3.58 27.37 12.66
C ILE A 571 2.39 28.14 12.12
N HIS A 572 2.58 29.45 11.88
CA HIS A 572 1.46 30.30 11.48
C HIS A 572 1.74 31.01 10.16
N PRO A 573 0.76 31.09 9.24
CA PRO A 573 -0.60 30.53 9.28
C PRO A 573 -0.63 29.18 8.57
N THR A 574 -1.11 28.14 9.26
CA THR A 574 -1.29 26.80 8.74
C THR A 574 -2.58 26.20 9.30
N CYS A 575 -3.11 25.17 8.62
CA CYS A 575 -4.20 24.38 9.19
C CYS A 575 -3.70 23.53 10.36
N SER A 576 -2.52 22.91 10.19
CA SER A 576 -2.02 21.95 11.17
C SER A 576 -1.80 22.56 12.57
N GLU A 577 -1.50 23.87 12.65
CA GLU A 577 -1.20 24.49 13.94
C GLU A 577 -2.36 24.44 14.93
N THR A 578 -3.61 24.24 14.47
CA THR A 578 -4.73 24.15 15.41
C THR A 578 -4.61 22.96 16.38
N PHE A 579 -3.87 21.91 16.01
CA PHE A 579 -3.60 20.82 16.94
C PHE A 579 -2.78 21.24 18.16
N THR A 580 -2.00 22.34 18.08
CA THR A 580 -1.13 22.72 19.20
C THR A 580 -1.84 23.54 20.28
N THR A 581 -3.10 23.95 20.07
CA THR A 581 -3.79 24.84 21.00
C THR A 581 -5.19 24.33 21.39
N LEU A 582 -5.47 23.05 21.19
CA LEU A 582 -6.80 22.51 21.47
C LEU A 582 -7.11 22.63 22.97
N HIS A 583 -8.36 22.97 23.30
CA HIS A 583 -8.75 23.10 24.70
C HIS A 583 -10.21 22.69 25.03
N VAL A 584 -11.11 22.73 24.06
CA VAL A 584 -12.52 22.37 24.30
C VAL A 584 -12.66 20.85 24.40
N THR A 585 -13.21 20.35 25.51
CA THR A 585 -13.48 18.92 25.65
C THR A 585 -14.93 18.61 25.28
N LYS A 586 -15.16 17.37 24.83
CA LYS A 586 -16.53 16.95 24.57
C LYS A 586 -17.35 16.86 25.86
N LYS A 587 -16.75 16.35 26.93
CA LYS A 587 -17.47 16.25 28.21
C LYS A 587 -18.00 17.59 28.68
N SER A 588 -17.35 18.69 28.31
CA SER A 588 -17.77 20.00 28.80
C SER A 588 -19.04 20.51 28.14
N GLY A 589 -19.39 20.01 26.95
CA GLY A 589 -20.54 20.51 26.22
C GLY A 589 -20.35 21.84 25.54
N VAL A 590 -19.15 22.45 25.63
CA VAL A 590 -18.91 23.73 24.98
C VAL A 590 -18.80 23.52 23.48
N SER A 591 -19.35 24.44 22.70
CA SER A 591 -19.37 24.24 21.25
C SER A 591 -17.95 24.27 20.69
N PRO A 592 -17.64 23.43 19.70
CA PRO A 592 -16.32 23.51 19.05
C PRO A 592 -16.22 24.59 17.98
N ILE A 593 -17.30 25.31 17.67
CA ILE A 593 -17.22 26.24 16.54
C ILE A 593 -16.35 27.43 16.89
N VAL A 594 -15.85 28.10 15.84
CA VAL A 594 -14.94 29.23 16.00
C VAL A 594 -15.71 30.45 16.51
#